data_7X9F
#
_entry.id   7X9F
#
_cell.length_a   87.917
_cell.length_b   87.917
_cell.length_c   47.551
_cell.angle_alpha   90.000
_cell.angle_beta   90.000
_cell.angle_gamma   90.000
#
_symmetry.space_group_name_H-M   'P 42 2 2'
#
loop_
_entity.id
_entity.type
_entity.pdbx_description
1 polymer "DNA (5'-D(P*AP*CP*GP*CP*GP*CP*T)-3')"
2 polymer "DNA (5'-D(P*AP*GP*CP*GP*CP*GP*T)-3')"
3 polymer DSN-ALA-N2C-MVA-DSN-ALA-NCY-MVA
4 polymer THR-DVA-PRO-SAR-MVA-PXF-THR-DVA-PRO-SAR-MVA
5 non-polymer 2-CARBOXYQUINOXALINE
6 non-polymer 'MANGANESE (II) ION'
7 water water
#
loop_
_entity_poly.entity_id
_entity_poly.type
_entity_poly.pdbx_seq_one_letter_code
_entity_poly.pdbx_strand_id
1 'polydeoxyribonucleotide' (DA)(DC)(DG)(DC)(DG)(DC)(DT) F,D
2 'polydeoxyribonucleotide' (DA)(DG)(DC)(DG)(DC)(DG)(DT) O,B
3 'polypeptide(L)' (DSN)A(N2C)(MVA)(DSN)A(NCY)(MVA) G,C
4 'polypeptide(L)' T(DVA)P(SAR)(MVA)(PXZ)T(DVA)P(SAR)(MVA) H,A
#
loop_
_chem_comp.id
_chem_comp.type
_chem_comp.name
_chem_comp.formula
DA DNA linking 2'-DEOXYADENOSINE-5'-MONOPHOSPHATE 'C10 H14 N5 O6 P'
DC DNA linking 2'-DEOXYCYTIDINE-5'-MONOPHOSPHATE 'C9 H14 N3 O7 P'
DG DNA linking 2'-DEOXYGUANOSINE-5'-MONOPHOSPHATE 'C10 H14 N5 O7 P'
DT DNA linking THYMIDINE-5'-MONOPHOSPHATE 'C10 H15 N2 O8 P'
MN non-polymer 'MANGANESE (II) ION' 'Mn 2'
PXZ non-polymer 2-AMINO-1,9-DICARBONYL-4,6-DIMETHYL-10-DEHYDRO-PHENOXAZIN-3-ONE 'C16 H12 N2 O6'
QUI non-polymer 2-CARBOXYQUINOXALINE 'C9 H6 N2 O2'
#
# COMPACT_ATOMS: atom_id res chain seq x y z
N DSN C 1 -2.67 -11.75 1.18
CA DSN C 1 -1.59 -12.68 1.66
C DSN C 1 -1.18 -12.68 3.09
O DSN C 1 -0.53 -13.69 3.46
CB DSN C 1 -2.03 -14.02 1.13
OG DSN C 1 -3.21 -14.30 1.72
N ALA C 2 -1.46 -11.65 3.85
CA ALA C 2 -1.08 -11.62 5.27
C ALA C 2 -2.08 -12.43 6.09
N N2C C 3 -1.64 -13.00 7.20
CA N2C C 3 -2.51 -13.80 8.02
CB N2C C 3 -2.09 -15.28 7.98
SG N2C C 3 -1.41 -15.75 6.39
CD N2C C 3 0.30 -16.24 6.58
CN N2C C 3 -0.34 -12.86 7.80
C N2C C 3 -2.55 -13.31 9.47
O N2C C 3 -1.89 -13.87 10.31
N MVA C 4 -3.36 -12.28 9.75
CN MVA C 4 -4.24 -11.73 8.75
CA MVA C 4 -3.43 -11.78 11.13
CB MVA C 4 -2.96 -10.33 11.36
CG1 MVA C 4 -1.70 -10.01 10.56
CG2 MVA C 4 -4.07 -9.30 11.11
C MVA C 4 -4.70 -12.12 11.88
O MVA C 4 -4.64 -12.18 13.29
N DSN C 5 -6.84 -12.10 10.12
CA DSN C 5 -7.61 -13.04 10.83
C DSN C 5 -7.79 -14.21 9.88
O DSN C 5 -7.47 -15.39 10.25
CB DSN C 5 -6.67 -13.49 11.91
OG DSN C 5 -5.38 -13.19 11.39
N ALA C 6 -8.17 -13.88 8.67
CA ALA C 6 -8.14 -14.69 7.45
C ALA C 6 -6.75 -14.60 6.83
N NCY C 7 -6.27 -15.70 6.24
CA NCY C 7 -4.94 -15.71 5.63
CB NCY C 7 -4.03 -16.71 6.34
SG NCY C 7 -3.65 -16.22 8.00
CN NCY C 7 -6.93 -16.98 6.19
C NCY C 7 -4.98 -16.09 4.15
O NCY C 7 -4.70 -17.22 3.74
N MVA C 8 -5.37 -15.04 3.24
CN MVA C 8 -5.59 -13.67 3.67
CA MVA C 8 -5.31 -15.39 1.88
CB MVA C 8 -6.56 -15.57 1.03
CG1 MVA C 8 -7.44 -15.99 2.11
CG2 MVA C 8 -7.21 -14.40 0.27
C MVA C 8 -4.20 -14.91 1.13
O MVA C 8 -3.83 -15.94 0.23
N THR D 1 -0.42 -16.10 -7.76
CA THR D 1 -1.21 -17.32 -7.85
C THR D 1 -2.69 -17.03 -7.62
N DVA D 2 -3.52 -18.03 -7.90
CA DVA D 2 -4.94 -17.96 -7.55
CB DVA D 2 -5.54 -19.37 -7.31
CG1 DVA D 2 -7.05 -19.30 -7.26
CG2 DVA D 2 -5.07 -20.34 -8.36
C DVA D 2 -5.78 -17.20 -8.57
O DVA D 2 -5.88 -17.61 -9.73
N PRO D 3 -6.38 -16.08 -8.15
CA PRO D 3 -6.22 -15.44 -6.84
C PRO D 3 -7.04 -16.08 -5.73
N SAR D 4 -6.44 -16.19 -4.54
CA SAR D 4 -5.09 -15.76 -4.32
C SAR D 4 -4.16 -16.93 -4.06
O SAR D 4 -4.53 -18.06 -4.24
CN SAR D 4 -7.09 -16.50 -3.33
N MVA D 5 -2.93 -16.62 -3.63
CN MVA D 5 -2.49 -15.25 -3.56
CA MVA D 5 -1.95 -17.64 -3.24
CB MVA D 5 -2.23 -18.18 -1.84
CG1 MVA D 5 -3.04 -19.47 -1.87
CG2 MVA D 5 -0.94 -18.38 -1.06
C MVA D 5 -1.80 -18.76 -4.21
O MVA D 5 -0.70 -19.65 -4.09
C1 PXZ D 6 1.33 -14.60 -8.69
C0 PXZ D 6 0.56 -15.88 -8.90
O1 PXZ D 6 0.96 -16.68 -9.72
C2 PXZ D 6 2.64 -14.80 -8.32
N2 PXZ D 6 3.18 -16.11 -8.17
C3 PXZ D 6 3.46 -13.70 -8.08
O3 PXZ D 6 4.63 -13.87 -7.75
C4 PXZ D 6 2.95 -12.41 -8.23
O5 PXZ D 6 1.10 -10.94 -8.74
C6 PXZ D 6 -0.73 -9.47 -9.26
C7 PXZ D 6 -2.06 -9.31 -9.64
C8 PXZ D 6 -2.88 -10.42 -9.87
C9 PXZ D 6 -2.35 -11.70 -9.73
C0' PXZ D 6 -3.45 -12.70 -10.02
O1' PXZ D 6 -4.53 -12.53 -9.47
N10 PXZ D 6 -0.51 -13.14 -9.20
C11 PXZ D 6 0.80 -13.31 -8.83
C12 PXZ D 6 1.60 -12.21 -8.61
C13 PXZ D 6 -0.21 -10.77 -9.11
C14 PXZ D 6 -1.01 -11.86 -9.34
C15 PXZ D 6 3.99 -11.37 -7.93
C16 PXZ D 6 -0.25 -8.05 -9.13
N THR D 7 -3.08 -13.87 -10.95
CA THR D 7 -3.83 -15.09 -11.30
C THR D 7 -2.90 -16.22 -11.71
N DVA D 8 -3.40 -17.44 -11.58
CA DVA D 8 -2.70 -18.61 -12.10
CB DVA D 8 -3.68 -19.60 -12.78
CG1 DVA D 8 -3.05 -20.97 -12.94
CG2 DVA D 8 -4.97 -19.70 -12.01
C DVA D 8 -1.87 -19.36 -11.05
O DVA D 8 -2.40 -19.77 -10.02
N PRO D 9 -0.56 -19.51 -11.30
CA PRO D 9 0.17 -18.90 -12.42
C PRO D 9 0.02 -19.63 -13.76
N SAR D 10 -0.16 -18.87 -14.83
CA SAR D 10 -0.23 -17.43 -14.75
C SAR D 10 -1.61 -16.92 -15.19
O SAR D 10 -2.54 -17.67 -15.17
CN SAR D 10 -0.06 -19.30 -16.16
N MVA D 11 -1.68 -15.64 -15.56
CN MVA D 11 -0.51 -14.78 -15.54
CA MVA D 11 -2.94 -15.02 -15.98
CB MVA D 11 -3.27 -15.31 -17.44
CG1 MVA D 11 -4.10 -16.58 -17.63
CG2 MVA D 11 -3.96 -14.13 -18.11
C MVA D 11 -4.10 -15.35 -15.08
O MVA D 11 -5.39 -14.85 -15.35
N THR G 1 1.12 9.73 -0.38
CA THR G 1 0.65 9.06 0.82
C THR G 1 0.09 10.06 1.82
N DVA G 2 -0.64 9.56 2.80
CA DVA G 2 -1.10 10.38 3.91
CB DVA G 2 -1.21 9.55 5.22
CG1 DVA G 2 -1.93 10.35 6.29
CG2 DVA G 2 -1.94 8.24 4.97
C DVA G 2 -2.40 11.13 3.62
O DVA G 2 -3.45 10.52 3.44
N PRO G 3 -2.32 12.47 3.58
CA PRO G 3 -1.10 13.29 3.70
C PRO G 3 -0.63 13.51 5.14
N SAR G 4 0.68 13.60 5.35
CA SAR G 4 1.64 13.38 4.31
C SAR G 4 2.20 11.97 4.46
O SAR G 4 1.63 11.20 5.17
CN SAR G 4 1.29 14.14 6.49
N MVA G 5 3.29 11.67 3.76
CN MVA G 5 3.92 12.64 2.87
CA MVA G 5 3.93 10.35 3.84
CB MVA G 5 4.86 10.25 5.05
CG1 MVA G 5 4.13 9.85 6.34
CG2 MVA G 5 6.02 9.29 4.79
C MVA G 5 2.96 9.20 3.74
O MVA G 5 3.37 7.87 3.98
C1 PXZ G 6 1.14 9.90 -2.78
C0 PXZ G 6 0.48 9.17 -1.63
O1 PXZ G 6 -0.07 8.10 -1.85
C2 PXZ G 6 2.19 9.21 -3.34
N2 PXZ G 6 2.58 7.93 -2.85
C3 PXZ G 6 2.88 9.77 -4.41
O3 PXZ G 6 3.81 9.17 -4.92
C4 PXZ G 6 2.50 11.02 -4.89
O5 PXZ G 6 1.05 12.95 -4.79
C6 PXZ G 6 -0.38 14.87 -4.72
C7 PXZ G 6 -1.45 15.56 -4.15
C8 PXZ G 6 -2.13 14.99 -3.07
C9 PXZ G 6 -1.76 13.75 -2.58
C0' PXZ G 6 -2.70 13.44 -1.44
O1' PXZ G 6 -3.45 14.34 -1.13
N10 PXZ G 6 -0.32 11.82 -2.67
C11 PXZ G 6 0.74 11.16 -3.24
C12 PXZ G 6 1.42 11.71 -4.31
C13 PXZ G 6 0.00 13.62 -4.22
C14 PXZ G 6 -0.69 13.05 -3.16
C15 PXZ G 6 3.36 11.45 -6.05
C16 PXZ G 6 0.08 15.82 -5.82
N THR G 7 -2.97 11.96 -0.90
CA THR G 7 -3.74 11.11 0.01
C THR G 7 -3.49 9.62 -0.20
N DVA G 8 -3.71 8.84 0.86
CA DVA G 8 -3.73 7.40 0.74
CB DVA G 8 -4.85 6.76 1.63
CG1 DVA G 8 -4.37 6.51 3.05
CG2 DVA G 8 -6.09 7.64 1.63
C DVA G 8 -2.36 6.75 0.97
O DVA G 8 -1.68 7.02 1.95
N PRO G 9 -1.92 5.92 -0.01
CA PRO G 9 -2.54 5.74 -1.33
C PRO G 9 -3.71 4.76 -1.33
N SAR G 10 -4.71 5.03 -2.16
CA SAR G 10 -4.73 6.22 -2.97
C SAR G 10 -5.79 7.21 -2.49
O SAR G 10 -6.31 7.03 -1.44
CN SAR G 10 -5.72 4.13 -2.53
N MVA G 11 -6.06 8.24 -3.29
CN MVA G 11 -5.33 8.45 -4.53
CA MVA G 11 -7.08 9.23 -2.96
CB MVA G 11 -8.48 8.71 -3.31
CG1 MVA G 11 -9.16 7.94 -2.18
CG2 MVA G 11 -9.38 9.82 -3.83
C MVA G 11 -7.00 9.78 -1.55
O MVA G 11 -8.03 10.58 -1.02
N DSN H 1 6.78 19.78 0.99
CA DSN H 1 7.70 18.75 1.56
C DSN H 1 9.06 18.97 1.74
O DSN H 1 9.70 18.42 2.68
CB DSN H 1 7.11 18.24 2.82
OG DSN H 1 6.97 19.35 3.69
N ALA H 2 9.57 19.86 0.97
CA ALA H 2 10.95 20.32 1.13
C ALA H 2 11.07 21.22 2.37
N N2C H 3 12.21 21.18 3.03
CA N2C H 3 12.41 21.98 4.20
CB N2C H 3 12.53 21.10 5.45
SG N2C H 3 11.22 19.88 5.42
CD N2C H 3 11.96 18.29 5.74
CN N2C H 3 13.37 20.39 2.72
C N2C H 3 13.63 22.89 4.05
O N2C H 3 14.70 22.57 4.50
N MVA H 4 13.42 24.06 3.42
CN MVA H 4 12.07 24.50 3.08
CA MVA H 4 14.60 25.11 3.18
CB MVA H 4 15.25 25.32 1.86
CG1 MVA H 4 15.56 24.03 1.11
CG2 MVA H 4 16.49 26.14 1.99
C MVA H 4 14.48 26.52 3.99
O MVA H 4 15.59 27.28 4.32
N DSN H 5 11.26 27.83 4.08
CA DSN H 5 11.59 27.86 5.49
C DSN H 5 10.81 26.70 6.14
O DSN H 5 11.38 25.90 6.92
CB DSN H 5 13.08 27.62 5.57
OG DSN H 5 13.32 26.54 4.75
N ALA H 6 9.51 26.64 5.85
CA ALA H 6 8.64 25.60 6.41
C ALA H 6 9.11 24.21 5.95
N NCY H 7 9.00 23.22 6.83
CA NCY H 7 9.40 21.85 6.51
CB NCY H 7 10.51 21.46 7.50
SG NCY H 7 12.08 22.04 6.94
CN NCY H 7 8.57 23.38 8.21
C NCY H 7 8.19 20.92 6.63
O NCY H 7 8.47 19.81 7.43
N MVA H 8 7.06 21.06 5.97
CN MVA H 8 7.37 21.82 4.79
CA MVA H 8 6.03 20.24 5.95
CB MVA H 8 4.74 20.80 6.20
CG1 MVA H 8 4.67 21.40 7.57
CG2 MVA H 8 4.42 21.76 5.25
C MVA H 8 6.03 19.24 4.77
O MVA H 8 5.68 17.95 5.28
N1 QUI I . -7.16 -9.07 10.00
C2 QUI I . -8.39 -9.59 10.05
C3 QUI I . -9.49 -8.72 9.95
N4 QUI I . -9.33 -7.40 9.83
C5 QUI I . -7.90 -5.50 9.67
C6 QUI I . -6.64 -4.96 9.64
C7 QUI I . -5.54 -5.80 9.73
C8 QUI I . -5.71 -7.17 9.86
C9 QUI I . -6.99 -7.72 9.89
C10 QUI I . -8.08 -6.88 9.79
C QUI I . -8.46 -11.08 10.19
O1 QUI I . -9.64 -11.83 10.00
MN MN J . -13.26 -7.21 6.50
N1 QUI K . -4.80 -10.43 0.63
C2 QUI K . -3.67 -9.78 0.44
C3 QUI K . -3.69 -8.47 -0.05
N4 QUI K . -4.85 -7.86 -0.31
C5 QUI K . -7.23 -7.89 -0.38
C6 QUI K . -8.41 -8.57 -0.18
C7 QUI K . -8.39 -9.88 0.30
C8 QUI K . -7.18 -10.50 0.57
C9 QUI K . -5.98 -9.81 0.36
C10 QUI K . -6.00 -8.52 -0.10
C QUI K . -2.43 -10.52 0.79
O1 QUI K . -1.30 -10.12 0.60
N1 QUI L . 11.32 28.88 1.72
C2 QUI L . 10.73 29.78 2.48
C3 QUI L . 10.15 30.92 1.91
N4 QUI L . 10.20 31.10 0.59
C5 QUI L . 10.90 30.37 -1.58
C6 QUI L . 11.51 29.43 -2.37
C7 QUI L . 12.08 28.31 -1.79
C8 QUI L . 12.02 28.11 -0.42
C9 QUI L . 11.38 29.06 0.38
C10 QUI L . 10.82 30.18 -0.19
C QUI L . 10.79 29.35 3.98
O1 QUI L . 10.44 30.15 4.89
N1 QUI M . 4.64 21.55 0.44
C2 QUI M . 5.16 21.04 -0.66
C3 QUI M . 4.80 21.56 -1.91
N4 QUI M . 3.92 22.57 -1.99
C5 QUI M . 2.48 24.15 -0.94
C6 QUI M . 1.94 24.66 0.22
C7 QUI M . 2.30 24.15 1.45
C8 QUI M . 3.21 23.10 1.53
C9 QUI M . 3.75 22.57 0.36
C10 QUI M . 3.40 23.09 -0.86
C QUI M . 6.12 20.06 -0.52
O1 QUI M . 6.90 19.62 -1.51
#